data_3BXF
#
_entry.id   3BXF
#
_cell.length_a   51.447
_cell.length_b   83.245
_cell.length_c   116.457
_cell.angle_alpha   90.00
_cell.angle_beta   90.00
_cell.angle_gamma   90.00
#
_symmetry.space_group_name_H-M   'P 21 21 21'
#
loop_
_entity.id
_entity.type
_entity.pdbx_description
1 polymer 'Central glycolytic gene regulator'
2 non-polymer 1,6-di-O-phosphono-beta-D-fructofuranose
3 non-polymer 'CHLORIDE ION'
4 non-polymer 1,3-DIHYDROXYACETONEPHOSPHATE
5 water water
#
_entity_poly.entity_id   1
_entity_poly.type   'polypeptide(L)'
_entity_poly.pdbx_seq_one_letter_code
;SNAKDVLGLTLLEKTLKERLNLKDAIIVSGDSDQSPWVKKEMGRAAVACMKKRFSGKNIVAVTGGTTIEAVAEMMTPDSK
NRELLFVPARGGLGEDVKNQANTICAHMAEKASGTYRLLFVPGQLSQGAYSSIIEEPSVKEVLNTIKSASMLVHGIGEAK
TMAQRRNTPLEDLKKIDDNDAVTEAFGYYFNADGEVVHKVHSVGMQLDDIDAIPDIIAVAGGSSKAEAIEAYFKKPRNTV
LVTDEGAAKKLLRDE
;
_entity_poly.pdbx_strand_id   A,B
#
loop_
_chem_comp.id
_chem_comp.type
_chem_comp.name
_chem_comp.formula
13P non-polymer 1,3-DIHYDROXYACETONEPHOSPHATE 'C3 H7 O6 P'
CL non-polymer 'CHLORIDE ION' 'Cl -1'
FBP D-saccharide, beta linking 1,6-di-O-phosphono-beta-D-fructofuranose 'C6 H14 O12 P2'
#
# COMPACT_ATOMS: atom_id res chain seq x y z
N SER A 1 28.26 -18.94 -21.05
CA SER A 1 27.57 -18.53 -22.27
C SER A 1 27.86 -19.52 -23.41
N ASN A 2 28.70 -20.51 -23.13
CA ASN A 2 28.42 -21.88 -23.55
C ASN A 2 26.98 -22.29 -23.31
N ALA A 3 26.45 -21.92 -22.13
CA ALA A 3 25.09 -22.25 -21.77
C ALA A 3 24.08 -21.66 -22.76
N LYS A 4 24.20 -20.35 -23.00
CA LYS A 4 23.23 -19.63 -23.81
C LYS A 4 23.48 -19.85 -25.30
N ASP A 5 24.70 -20.28 -25.63
CA ASP A 5 24.99 -20.82 -26.96
C ASP A 5 24.26 -22.14 -27.18
N VAL A 6 24.59 -23.14 -26.37
CA VAL A 6 24.06 -24.49 -26.53
CA VAL A 6 24.04 -24.48 -26.56
C VAL A 6 22.52 -24.52 -26.44
N LEU A 7 21.96 -23.65 -25.58
CA LEU A 7 20.49 -23.55 -25.42
C LEU A 7 19.85 -22.71 -26.51
N GLY A 8 20.69 -22.09 -27.35
CA GLY A 8 20.21 -21.27 -28.48
C GLY A 8 19.64 -19.92 -28.10
N LEU A 9 19.76 -19.55 -26.83
CA LEU A 9 19.18 -18.31 -26.31
C LEU A 9 19.77 -17.02 -26.88
N THR A 10 21.09 -16.97 -27.02
CA THR A 10 21.78 -15.81 -27.60
C THR A 10 21.31 -15.51 -29.03
N LEU A 11 21.19 -16.56 -29.84
CA LEU A 11 20.68 -16.40 -31.21
C LEU A 11 19.21 -16.02 -31.23
N LEU A 12 18.45 -16.57 -30.29
CA LEU A 12 17.03 -16.30 -30.20
C LEU A 12 16.84 -14.84 -29.81
N GLU A 13 17.65 -14.38 -28.86
CA GLU A 13 17.60 -12.98 -28.42
C GLU A 13 17.89 -12.04 -29.58
N LYS A 14 18.89 -12.39 -30.38
CA LYS A 14 19.23 -11.59 -31.57
C LYS A 14 18.05 -11.46 -32.53
N THR A 15 17.40 -12.58 -32.83
N THR A 15 17.39 -12.57 -32.82
CA THR A 15 16.29 -12.57 -33.77
CA THR A 15 16.28 -12.54 -33.78
C THR A 15 15.10 -11.80 -33.18
C THR A 15 15.05 -11.85 -33.20
N LEU A 16 14.83 -12.01 -31.90
CA LEU A 16 13.70 -11.36 -31.24
C LEU A 16 13.85 -9.82 -31.26
N LYS A 17 15.06 -9.36 -30.98
CA LYS A 17 15.40 -7.93 -31.16
C LYS A 17 15.29 -7.40 -32.60
N GLU A 18 15.60 -8.23 -33.59
CA GLU A 18 15.41 -7.84 -35.00
C GLU A 18 13.93 -7.74 -35.39
N ARG A 19 13.10 -8.59 -34.77
CA ARG A 19 11.68 -8.72 -35.13
C ARG A 19 10.82 -7.67 -34.42
N LEU A 20 11.09 -7.48 -33.13
CA LEU A 20 10.32 -6.53 -32.34
C LEU A 20 11.14 -5.26 -32.24
N ASN A 21 10.60 -4.11 -31.86
N ASN A 21 10.46 -4.16 -31.92
CA ASN A 21 11.59 -2.98 -31.87
CA ASN A 21 11.16 -2.96 -31.56
C ASN A 21 12.35 -2.73 -30.56
C ASN A 21 11.64 -3.25 -30.16
N LEU A 22 12.85 -3.82 -30.02
CA LEU A 22 13.48 -3.91 -28.68
C LEU A 22 14.82 -3.21 -28.51
N LYS A 23 14.94 -2.50 -27.39
CA LYS A 23 16.22 -1.97 -26.92
C LYS A 23 17.18 -3.15 -26.68
N ASP A 24 16.67 -4.23 -26.09
CA ASP A 24 17.39 -5.49 -25.92
C ASP A 24 16.40 -6.62 -25.56
N ALA A 25 16.81 -7.86 -25.74
CA ALA A 25 15.97 -9.00 -25.42
C ALA A 25 16.76 -9.92 -24.51
N ILE A 26 16.13 -10.36 -23.45
CA ILE A 26 16.74 -11.29 -22.55
C ILE A 26 15.72 -12.41 -22.46
N ILE A 27 16.12 -13.60 -22.84
CA ILE A 27 15.21 -14.74 -22.90
C ILE A 27 15.72 -15.84 -22.00
N VAL A 28 14.90 -16.31 -21.06
CA VAL A 28 15.29 -17.45 -20.23
C VAL A 28 14.69 -18.73 -20.82
N SER A 29 15.24 -19.88 -20.46
CA SER A 29 14.78 -21.14 -21.02
C SER A 29 13.38 -21.50 -20.52
N GLY A 30 12.66 -22.23 -21.39
CA GLY A 30 11.45 -22.93 -21.02
C GLY A 30 10.21 -22.10 -21.24
N ASP A 31 9.07 -22.65 -20.82
CA ASP A 31 7.75 -22.04 -21.04
C ASP A 31 7.07 -21.92 -19.69
N SER A 32 6.98 -20.69 -19.17
CA SER A 32 6.35 -20.41 -17.87
C SER A 32 4.89 -20.85 -17.82
N ASP A 33 4.25 -21.01 -18.97
CA ASP A 33 2.89 -21.59 -18.98
C ASP A 33 2.87 -23.07 -18.63
N GLN A 34 4.02 -23.74 -18.78
CA GLN A 34 4.11 -25.17 -18.49
C GLN A 34 4.86 -25.46 -17.20
N SER A 35 5.81 -24.57 -16.89
CA SER A 35 6.76 -24.79 -15.81
C SER A 35 6.80 -23.55 -14.93
N PRO A 36 6.05 -23.55 -13.81
CA PRO A 36 5.95 -22.29 -13.05
C PRO A 36 7.30 -21.68 -12.65
N TRP A 37 8.32 -22.49 -12.39
CA TRP A 37 9.65 -21.98 -12.01
C TRP A 37 10.29 -21.02 -13.04
N VAL A 38 9.84 -21.10 -14.30
CA VAL A 38 10.39 -20.24 -15.34
C VAL A 38 10.08 -18.77 -15.04
N LYS A 39 8.94 -18.52 -14.42
CA LYS A 39 8.57 -17.15 -13.99
C LYS A 39 9.60 -16.60 -13.00
N LYS A 40 10.05 -17.46 -12.09
CA LYS A 40 11.05 -17.06 -11.10
C LYS A 40 12.37 -16.74 -11.82
N GLU A 41 12.68 -17.49 -12.87
CA GLU A 41 13.88 -17.22 -13.68
C GLU A 41 13.76 -15.91 -14.49
N MET A 42 12.57 -15.62 -15.01
CA MET A 42 12.34 -14.28 -15.58
C MET A 42 12.57 -13.22 -14.51
N GLY A 43 12.07 -13.46 -13.29
CA GLY A 43 12.29 -12.49 -12.20
C GLY A 43 13.78 -12.29 -11.93
N ARG A 44 14.52 -13.40 -11.85
CA ARG A 44 15.98 -13.34 -11.68
C ARG A 44 16.63 -12.47 -12.74
N ALA A 45 16.30 -12.73 -14.00
CA ALA A 45 16.95 -12.02 -15.11
C ALA A 45 16.58 -10.54 -15.06
N ALA A 46 15.32 -10.27 -14.72
CA ALA A 46 14.86 -8.88 -14.65
C ALA A 46 15.62 -8.10 -13.58
N VAL A 47 15.73 -8.68 -12.37
CA VAL A 47 16.51 -8.06 -11.29
C VAL A 47 17.95 -7.74 -11.73
N ALA A 48 18.61 -8.72 -12.35
CA ALA A 48 19.96 -8.49 -12.87
C ALA A 48 19.99 -7.32 -13.86
N CYS A 49 18.97 -7.26 -14.72
CA CYS A 49 18.84 -6.18 -15.71
C CYS A 49 18.70 -4.82 -15.02
N MET A 50 17.77 -4.71 -14.09
CA MET A 50 17.62 -3.49 -13.32
C MET A 50 18.96 -3.02 -12.74
N LYS A 51 19.68 -3.93 -12.09
CA LYS A 51 20.93 -3.57 -11.40
C LYS A 51 22.01 -3.01 -12.35
N LYS A 52 22.04 -3.51 -13.58
CA LYS A 52 22.93 -2.99 -14.62
C LYS A 52 22.55 -1.59 -15.11
N ARG A 53 21.28 -1.22 -14.91
N ARG A 53 21.30 -1.19 -14.88
CA ARG A 53 20.71 0.04 -15.41
CA ARG A 53 20.80 0.08 -15.41
C ARG A 53 20.70 1.19 -14.38
C ARG A 53 20.51 1.16 -14.36
N PHE A 54 20.77 0.86 -13.09
CA PHE A 54 20.65 1.88 -12.04
C PHE A 54 21.72 2.96 -12.18
N SER A 55 21.29 4.22 -12.05
CA SER A 55 22.18 5.39 -11.93
C SER A 55 22.45 5.63 -10.43
N GLY A 56 23.19 6.68 -10.10
CA GLY A 56 23.43 7.04 -8.69
C GLY A 56 22.16 7.12 -7.86
N LYS A 57 21.13 7.73 -8.44
CA LYS A 57 19.81 7.88 -7.83
C LYS A 57 18.76 7.35 -8.79
N ASN A 58 17.73 6.69 -8.25
CA ASN A 58 16.71 6.07 -9.08
C ASN A 58 15.33 6.21 -8.46
N ILE A 59 14.38 6.41 -9.34
CA ILE A 59 12.96 6.35 -9.01
C ILE A 59 12.37 5.30 -9.93
N VAL A 60 12.00 4.16 -9.36
CA VAL A 60 11.61 2.98 -10.11
C VAL A 60 10.10 2.80 -10.00
N ALA A 61 9.40 2.99 -11.11
CA ALA A 61 7.95 2.81 -11.19
C ALA A 61 7.63 1.35 -11.51
N VAL A 62 6.72 0.72 -10.77
CA VAL A 62 6.39 -0.68 -11.05
C VAL A 62 4.90 -0.95 -11.24
N THR A 63 4.58 -1.99 -12.00
CA THR A 63 3.20 -2.45 -12.15
C THR A 63 2.97 -3.64 -11.24
N GLY A 64 1.72 -4.06 -11.13
CA GLY A 64 1.37 -5.27 -10.41
C GLY A 64 1.38 -6.49 -11.32
N GLY A 65 0.69 -7.54 -10.86
CA GLY A 65 0.61 -8.82 -11.57
C GLY A 65 1.68 -9.80 -11.12
N THR A 66 1.44 -11.09 -11.37
CA THR A 66 2.33 -12.16 -10.87
C THR A 66 3.78 -12.10 -11.38
N THR A 67 3.98 -11.55 -12.57
CA THR A 67 5.34 -11.56 -13.17
C THR A 67 6.22 -10.54 -12.45
N ILE A 68 5.70 -9.32 -12.24
CA ILE A 68 6.47 -8.30 -11.50
C ILE A 68 6.58 -8.70 -10.03
N GLU A 69 5.59 -9.45 -9.54
CA GLU A 69 5.70 -9.99 -8.18
C GLU A 69 6.92 -10.92 -8.09
N ALA A 70 7.12 -11.72 -9.13
CA ALA A 70 8.28 -12.63 -9.19
C ALA A 70 9.59 -11.84 -9.23
N VAL A 71 9.55 -10.68 -9.89
CA VAL A 71 10.72 -9.77 -9.91
C VAL A 71 11.04 -9.31 -8.48
N ALA A 72 9.99 -8.90 -7.77
CA ALA A 72 10.12 -8.46 -6.39
C ALA A 72 10.64 -9.58 -5.48
N GLU A 73 10.09 -10.79 -5.64
CA GLU A 73 10.52 -11.95 -4.87
C GLU A 73 12.02 -12.27 -5.10
N MET A 74 12.54 -11.91 -6.26
CA MET A 74 13.94 -12.19 -6.63
C MET A 74 14.85 -11.01 -6.34
N MET A 75 14.27 -9.90 -5.93
CA MET A 75 15.05 -8.68 -5.68
C MET A 75 15.92 -8.87 -4.44
N THR A 76 17.13 -8.31 -4.51
CA THR A 76 18.09 -8.30 -3.40
C THR A 76 18.73 -6.91 -3.34
N PRO A 77 19.29 -6.52 -2.17
CA PRO A 77 19.96 -5.22 -2.09
C PRO A 77 21.04 -5.00 -3.17
N ASP A 78 21.21 -3.73 -3.56
CA ASP A 78 22.22 -3.33 -4.55
C ASP A 78 23.60 -3.33 -3.93
N SER A 79 24.50 -4.16 -4.47
CA SER A 79 25.88 -4.22 -3.97
C SER A 79 26.63 -2.89 -4.13
N LYS A 80 26.16 -2.07 -5.07
CA LYS A 80 26.74 -0.73 -5.24
C LYS A 80 26.06 0.32 -4.33
N ASN A 81 24.98 -0.08 -3.65
CA ASN A 81 24.20 0.81 -2.76
C ASN A 81 23.86 2.18 -3.39
N ARG A 82 23.33 2.13 -4.61
CA ARG A 82 22.75 3.30 -5.24
C ARG A 82 21.42 3.64 -4.58
N GLU A 83 20.92 4.87 -4.77
CA GLU A 83 19.73 5.33 -4.06
C GLU A 83 18.50 4.84 -4.83
N LEU A 84 17.62 4.13 -4.14
CA LEU A 84 16.47 3.48 -4.79
C LEU A 84 15.16 3.83 -4.12
N LEU A 85 14.31 4.54 -4.88
CA LEU A 85 12.95 4.87 -4.45
C LEU A 85 12.01 4.21 -5.42
N PHE A 86 11.04 3.45 -4.90
CA PHE A 86 10.10 2.70 -5.73
C PHE A 86 8.71 3.32 -5.59
N VAL A 87 7.98 3.37 -6.69
CA VAL A 87 6.60 3.82 -6.68
C VAL A 87 5.77 2.93 -7.61
N PRO A 88 4.45 2.86 -7.38
CA PRO A 88 3.57 2.20 -8.36
C PRO A 88 3.48 3.10 -9.58
N ALA A 89 3.33 2.51 -10.77
CA ALA A 89 3.22 3.30 -11.98
C ALA A 89 1.84 3.96 -12.05
N ARG A 90 0.82 3.23 -11.64
CA ARG A 90 -0.54 3.77 -11.69
C ARG A 90 -1.36 3.38 -10.45
N GLY A 91 -2.52 4.02 -10.30
CA GLY A 91 -3.45 3.68 -9.25
C GLY A 91 -4.81 3.71 -9.87
N GLY A 92 -5.71 2.89 -9.33
CA GLY A 92 -7.03 2.77 -9.92
C GLY A 92 -8.01 3.79 -9.35
N LEU A 93 -8.99 4.13 -10.16
CA LEU A 93 -10.13 4.92 -9.75
C LEU A 93 -11.38 4.12 -10.04
N GLY A 94 -12.41 4.30 -9.23
CA GLY A 94 -13.72 3.64 -9.43
C GLY A 94 -14.10 2.58 -8.42
N GLU A 95 -14.72 1.51 -8.91
CA GLU A 95 -15.23 0.44 -8.07
C GLU A 95 -14.15 -0.57 -7.67
N ASP A 96 -14.07 -0.86 -6.38
CA ASP A 96 -13.22 -1.93 -5.82
C ASP A 96 -11.75 -1.82 -6.25
N VAL A 97 -11.16 -0.68 -5.96
CA VAL A 97 -9.76 -0.46 -6.31
C VAL A 97 -8.90 -1.35 -5.38
N LYS A 98 -7.92 -2.04 -5.96
CA LYS A 98 -7.08 -2.97 -5.18
C LYS A 98 -5.64 -2.53 -5.16
N ASN A 99 -5.29 -1.75 -6.17
CA ASN A 99 -3.96 -1.20 -6.23
C ASN A 99 -2.88 -2.24 -5.89
N GLN A 100 -2.95 -3.39 -6.58
CA GLN A 100 -1.87 -4.40 -6.51
C GLN A 100 -0.44 -3.95 -6.91
N ALA A 101 -0.29 -2.90 -7.73
CA ALA A 101 1.05 -2.31 -7.90
C ALA A 101 1.63 -1.81 -6.56
N ASN A 102 0.79 -1.21 -5.74
CA ASN A 102 1.20 -0.86 -4.37
C ASN A 102 1.84 -2.04 -3.60
N THR A 103 1.16 -3.18 -3.68
CA THR A 103 1.60 -4.41 -3.02
C THR A 103 2.97 -4.81 -3.51
N ILE A 104 3.12 -4.88 -4.83
CA ILE A 104 4.39 -5.25 -5.45
C ILE A 104 5.48 -4.22 -5.14
N CYS A 105 5.08 -2.94 -5.13
CA CYS A 105 6.00 -1.83 -4.87
C CYS A 105 6.67 -1.94 -3.51
N ALA A 106 5.85 -2.06 -2.49
CA ALA A 106 6.36 -2.22 -1.15
C ALA A 106 7.24 -3.48 -1.05
N HIS A 107 6.77 -4.59 -1.60
CA HIS A 107 7.52 -5.86 -1.56
C HIS A 107 8.90 -5.68 -2.21
N MET A 108 8.95 -5.08 -3.40
CA MET A 108 10.21 -4.89 -4.11
C MET A 108 11.17 -3.96 -3.35
N ALA A 109 10.65 -2.85 -2.84
CA ALA A 109 11.44 -1.88 -2.09
C ALA A 109 12.05 -2.50 -0.81
N GLU A 110 11.26 -3.32 -0.13
CA GLU A 110 11.72 -4.04 1.06
C GLU A 110 12.83 -5.05 0.73
N LYS A 111 12.67 -5.77 -0.37
CA LYS A 111 13.70 -6.70 -0.84
C LYS A 111 15.00 -6.02 -1.31
N ALA A 112 14.87 -4.83 -1.86
CA ALA A 112 15.99 -4.03 -2.32
C ALA A 112 16.66 -3.19 -1.22
N SER A 113 16.09 -3.17 -0.01
CA SER A 113 16.52 -2.24 1.05
C SER A 113 16.49 -0.79 0.56
N GLY A 114 15.45 -0.49 -0.20
CA GLY A 114 15.18 0.84 -0.67
C GLY A 114 14.02 1.42 0.09
N THR A 115 13.46 2.48 -0.46
CA THR A 115 12.30 3.14 0.11
C THR A 115 11.20 3.21 -0.95
N TYR A 116 9.98 3.58 -0.52
CA TYR A 116 8.84 3.60 -1.43
C TYR A 116 7.79 4.62 -1.02
N ARG A 117 6.98 5.02 -2.00
CA ARG A 117 5.79 5.83 -1.76
C ARG A 117 4.66 5.23 -2.56
N LEU A 118 3.56 4.90 -1.87
CA LEU A 118 2.40 4.30 -2.54
C LEU A 118 1.35 5.37 -2.91
N LEU A 119 0.45 4.98 -3.81
CA LEU A 119 -0.70 5.79 -4.20
C LEU A 119 -1.93 5.46 -3.37
N PHE A 120 -2.70 6.48 -3.04
CA PHE A 120 -3.96 6.30 -2.32
C PHE A 120 -4.87 5.26 -2.96
N VAL A 121 -5.67 4.61 -2.13
CA VAL A 121 -6.60 3.57 -2.57
C VAL A 121 -8.02 4.06 -2.26
N PRO A 122 -8.70 4.64 -3.27
CA PRO A 122 -9.99 5.25 -2.97
C PRO A 122 -11.18 4.31 -3.04
N GLY A 123 -12.26 4.71 -2.38
CA GLY A 123 -13.55 4.05 -2.60
C GLY A 123 -14.14 4.57 -3.91
N GLN A 124 -15.38 4.19 -4.15
CA GLN A 124 -16.10 4.62 -5.34
CA GLN A 124 -16.09 4.64 -5.35
C GLN A 124 -16.52 6.09 -5.18
N LEU A 125 -16.01 6.98 -6.02
CA LEU A 125 -16.36 8.41 -5.94
C LEU A 125 -16.60 9.05 -7.31
N SER A 126 -17.25 10.20 -7.32
CA SER A 126 -17.46 11.00 -8.52
C SER A 126 -16.15 11.51 -9.15
N GLN A 127 -16.19 11.80 -10.46
CA GLN A 127 -15.02 12.36 -11.11
C GLN A 127 -14.59 13.68 -10.46
N GLY A 128 -15.56 14.51 -10.10
CA GLY A 128 -15.28 15.75 -9.39
C GLY A 128 -14.47 15.54 -8.13
N ALA A 129 -14.84 14.53 -7.36
CA ALA A 129 -14.10 14.13 -6.15
C ALA A 129 -12.69 13.67 -6.49
N TYR A 130 -12.55 12.84 -7.53
CA TYR A 130 -11.21 12.43 -7.95
C TYR A 130 -10.35 13.62 -8.40
N SER A 131 -10.93 14.54 -9.18
CA SER A 131 -10.22 15.73 -9.65
C SER A 131 -9.75 16.57 -8.47
N SER A 132 -10.56 16.66 -7.42
CA SER A 132 -10.16 17.36 -6.21
C SER A 132 -9.00 16.64 -5.50
N ILE A 133 -9.12 15.33 -5.35
CA ILE A 133 -8.09 14.53 -4.68
C ILE A 133 -6.70 14.60 -5.31
N ILE A 134 -6.64 14.58 -6.64
CA ILE A 134 -5.41 14.61 -7.44
CA ILE A 134 -5.34 14.55 -7.32
C ILE A 134 -4.56 15.86 -7.21
N GLU A 135 -5.23 16.94 -6.84
CA GLU A 135 -4.57 18.23 -6.63
C GLU A 135 -4.19 18.43 -5.17
N GLU A 136 -4.61 17.49 -4.32
CA GLU A 136 -4.24 17.56 -2.93
C GLU A 136 -2.71 17.40 -2.80
N PRO A 137 -2.03 18.33 -2.08
CA PRO A 137 -0.57 18.37 -2.12
C PRO A 137 0.16 17.05 -1.88
N SER A 138 -0.30 16.27 -0.91
CA SER A 138 0.31 14.96 -0.62
C SER A 138 0.14 13.98 -1.78
N VAL A 139 -1.08 13.89 -2.31
CA VAL A 139 -1.36 13.06 -3.48
C VAL A 139 -0.57 13.58 -4.69
N LYS A 140 -0.61 14.88 -4.93
CA LYS A 140 0.15 15.53 -6.00
C LYS A 140 1.66 15.25 -5.97
N GLU A 141 2.23 15.16 -4.77
CA GLU A 141 3.66 14.89 -4.62
C GLU A 141 4.01 13.49 -5.13
N VAL A 142 3.15 12.52 -4.84
CA VAL A 142 3.43 11.16 -5.29
C VAL A 142 3.35 11.11 -6.81
N LEU A 143 2.35 11.78 -7.38
CA LEU A 143 2.17 11.79 -8.83
C LEU A 143 3.35 12.44 -9.53
N ASN A 144 3.84 13.53 -8.94
CA ASN A 144 5.04 14.21 -9.42
C ASN A 144 6.27 13.31 -9.36
N THR A 145 6.36 12.49 -8.31
CA THR A 145 7.45 11.53 -8.19
C THR A 145 7.36 10.49 -9.30
N ILE A 146 6.16 9.92 -9.51
CA ILE A 146 5.96 8.96 -10.61
C ILE A 146 6.34 9.61 -11.95
N LYS A 147 5.96 10.88 -12.12
CA LYS A 147 6.31 11.61 -13.36
C LYS A 147 7.83 11.71 -13.57
N SER A 148 8.58 11.66 -12.49
CA SER A 148 10.05 11.78 -12.54
CA SER A 148 10.05 11.79 -12.52
C SER A 148 10.76 10.42 -12.61
N ALA A 149 9.99 9.36 -12.83
CA ALA A 149 10.54 8.00 -12.85
C ALA A 149 11.74 7.87 -13.75
N SER A 150 12.82 7.25 -13.24
CA SER A 150 14.00 6.97 -14.06
C SER A 150 13.93 5.58 -14.72
N MET A 151 13.11 4.72 -14.13
CA MET A 151 12.92 3.35 -14.61
C MET A 151 11.44 2.97 -14.53
N LEU A 152 11.00 2.13 -15.46
CA LEU A 152 9.67 1.52 -15.34
C LEU A 152 9.81 0.03 -15.55
N VAL A 153 9.21 -0.76 -14.65
CA VAL A 153 9.29 -2.21 -14.78
C VAL A 153 7.86 -2.68 -14.84
N HIS A 154 7.45 -3.27 -15.97
CA HIS A 154 6.01 -3.52 -16.17
C HIS A 154 5.73 -4.92 -16.75
N GLY A 155 4.52 -5.42 -16.51
CA GLY A 155 4.07 -6.67 -17.11
C GLY A 155 3.39 -6.40 -18.45
N ILE A 156 3.00 -7.48 -19.13
CA ILE A 156 2.17 -7.39 -20.32
C ILE A 156 1.20 -8.55 -20.23
N GLY A 157 -0.06 -8.28 -20.54
CA GLY A 157 -1.11 -9.30 -20.48
C GLY A 157 -1.91 -9.41 -21.75
N GLU A 158 -2.61 -10.53 -21.89
CA GLU A 158 -3.61 -10.68 -22.91
C GLU A 158 -4.75 -9.75 -22.55
N ALA A 159 -5.30 -9.04 -23.55
CA ALA A 159 -6.37 -8.07 -23.29
C ALA A 159 -7.59 -8.74 -22.62
N LYS A 160 -8.10 -9.83 -23.20
CA LYS A 160 -9.31 -10.46 -22.65
C LYS A 160 -9.07 -10.97 -21.21
N THR A 161 -7.91 -11.59 -20.99
CA THR A 161 -7.57 -12.10 -19.67
C THR A 161 -7.60 -10.98 -18.62
N MET A 162 -7.04 -9.83 -18.98
CA MET A 162 -6.96 -8.73 -18.05
C MET A 162 -8.31 -8.03 -17.83
N ALA A 163 -9.06 -7.82 -18.90
CA ALA A 163 -10.34 -7.13 -18.80
C ALA A 163 -11.25 -7.94 -17.88
N GLN A 164 -11.10 -9.26 -17.97
CA GLN A 164 -11.91 -10.18 -17.17
C GLN A 164 -11.39 -10.35 -15.74
N ARG A 165 -10.07 -10.36 -15.57
CA ARG A 165 -9.45 -10.44 -14.25
CA ARG A 165 -9.50 -10.47 -14.23
C ARG A 165 -9.83 -9.22 -13.40
N ARG A 166 -9.79 -8.05 -14.04
CA ARG A 166 -10.13 -6.78 -13.40
C ARG A 166 -11.64 -6.57 -13.29
N ASN A 167 -12.04 -5.59 -12.49
CA ASN A 167 -13.46 -5.28 -12.34
C ASN A 167 -13.94 -4.34 -13.45
N THR A 168 -13.91 -4.84 -14.68
CA THR A 168 -14.10 -3.96 -15.85
C THR A 168 -15.57 -3.68 -16.12
N PRO A 169 -15.94 -2.39 -16.24
CA PRO A 169 -17.32 -2.01 -16.56
C PRO A 169 -17.80 -2.68 -17.85
N LEU A 170 -19.06 -3.12 -17.84
CA LEU A 170 -19.68 -3.77 -19.00
C LEU A 170 -19.59 -2.91 -20.26
N GLU A 171 -19.74 -1.60 -20.12
CA GLU A 171 -19.61 -0.69 -21.28
C GLU A 171 -18.18 -0.77 -21.83
N ASP A 172 -17.20 -0.88 -20.93
CA ASP A 172 -15.80 -0.93 -21.34
C ASP A 172 -15.38 -2.30 -21.86
N LEU A 173 -15.98 -3.36 -21.33
CA LEU A 173 -15.79 -4.72 -21.88
C LEU A 173 -16.20 -4.77 -23.35
N LYS A 174 -17.35 -4.17 -23.65
CA LYS A 174 -17.86 -4.12 -25.01
C LYS A 174 -16.91 -3.35 -25.92
N LYS A 175 -16.48 -2.17 -25.47
CA LYS A 175 -15.49 -1.34 -26.17
C LYS A 175 -14.17 -2.08 -26.47
N ILE A 176 -13.64 -2.76 -25.46
CA ILE A 176 -12.40 -3.56 -25.57
C ILE A 176 -12.59 -4.66 -26.61
N ASP A 177 -13.74 -5.32 -26.59
CA ASP A 177 -14.00 -6.39 -27.57
C ASP A 177 -14.21 -5.83 -28.99
N ASP A 178 -15.02 -4.79 -29.10
CA ASP A 178 -15.42 -4.25 -30.39
C ASP A 178 -14.27 -3.63 -31.11
N ASN A 179 -13.30 -3.14 -30.33
CA ASN A 179 -12.09 -2.52 -30.89
C ASN A 179 -10.90 -3.45 -31.00
N ASP A 180 -11.14 -4.74 -30.78
CA ASP A 180 -10.15 -5.79 -31.06
C ASP A 180 -8.85 -5.64 -30.31
N ALA A 181 -8.95 -5.28 -29.03
CA ALA A 181 -7.76 -5.24 -28.17
C ALA A 181 -7.16 -6.64 -28.11
N VAL A 182 -5.84 -6.71 -28.10
CA VAL A 182 -5.20 -8.02 -27.98
C VAL A 182 -4.17 -8.08 -26.86
N THR A 183 -3.73 -6.91 -26.40
CA THR A 183 -2.68 -6.83 -25.37
C THR A 183 -2.96 -5.67 -24.39
N GLU A 184 -2.27 -5.71 -23.26
CA GLU A 184 -2.48 -4.75 -22.19
C GLU A 184 -1.13 -4.52 -21.54
N ALA A 185 -0.85 -3.26 -21.22
CA ALA A 185 0.30 -2.90 -20.39
C ALA A 185 -0.03 -1.62 -19.64
N PHE A 186 0.27 -1.63 -18.33
CA PHE A 186 0.14 -0.48 -17.43
C PHE A 186 -1.15 0.31 -17.62
N GLY A 187 -2.28 -0.40 -17.71
CA GLY A 187 -3.59 0.29 -17.73
C GLY A 187 -4.05 0.76 -19.10
N TYR A 188 -3.42 0.25 -20.15
CA TYR A 188 -3.77 0.56 -21.53
C TYR A 188 -3.96 -0.74 -22.28
N TYR A 189 -5.03 -0.81 -23.05
CA TYR A 189 -5.32 -1.97 -23.90
C TYR A 189 -5.02 -1.54 -25.30
N PHE A 190 -4.31 -2.39 -26.04
CA PHE A 190 -3.88 -2.09 -27.40
C PHE A 190 -4.37 -3.15 -28.40
N ASN A 191 -4.56 -2.73 -29.64
CA ASN A 191 -4.92 -3.65 -30.73
C ASN A 191 -3.70 -4.33 -31.32
N ALA A 192 -3.90 -5.11 -32.39
CA ALA A 192 -2.81 -5.91 -32.97
C ALA A 192 -1.71 -5.06 -33.59
N ASP A 193 -2.03 -3.84 -33.97
CA ASP A 193 -1.03 -2.89 -34.47
C ASP A 193 -0.37 -2.08 -33.35
N GLY A 194 -0.63 -2.43 -32.08
CA GLY A 194 -0.04 -1.71 -30.96
C GLY A 194 -0.58 -0.32 -30.68
N GLU A 195 -1.79 -0.03 -31.18
CA GLU A 195 -2.47 1.25 -30.96
C GLU A 195 -3.39 1.14 -29.77
N VAL A 196 -3.43 2.19 -28.96
CA VAL A 196 -4.27 2.21 -27.79
C VAL A 196 -5.70 2.18 -28.29
N VAL A 197 -6.49 1.26 -27.74
CA VAL A 197 -7.92 1.25 -28.03
C VAL A 197 -8.81 1.55 -26.80
N HIS A 198 -8.25 1.40 -25.61
CA HIS A 198 -8.95 1.72 -24.37
C HIS A 198 -7.93 1.93 -23.27
N LYS A 199 -8.21 2.91 -22.41
CA LYS A 199 -7.37 3.24 -21.24
C LYS A 199 -8.20 3.09 -19.97
N VAL A 200 -7.63 2.38 -19.01
CA VAL A 200 -8.30 2.25 -17.71
C VAL A 200 -8.28 3.59 -17.01
N HIS A 201 -9.37 3.87 -16.31
CA HIS A 201 -9.53 5.04 -15.47
C HIS A 201 -8.52 4.97 -14.34
N SER A 202 -7.47 5.77 -14.43
CA SER A 202 -6.41 5.70 -13.42
C SER A 202 -5.79 7.05 -13.14
N VAL A 203 -4.92 7.09 -12.13
CA VAL A 203 -4.00 8.21 -11.98
C VAL A 203 -2.58 7.67 -12.13
N GLY A 204 -1.63 8.58 -12.38
CA GLY A 204 -0.22 8.24 -12.49
C GLY A 204 0.22 8.24 -13.94
N MET A 205 1.14 7.35 -14.25
CA MET A 205 1.80 7.37 -15.53
C MET A 205 0.85 7.20 -16.69
N GLN A 206 1.11 7.99 -17.73
CA GLN A 206 0.36 7.95 -18.97
C GLN A 206 1.27 7.44 -20.08
N LEU A 207 0.67 6.91 -21.14
CA LEU A 207 1.51 6.34 -22.21
C LEU A 207 2.51 7.36 -22.79
N ASP A 208 2.08 8.62 -22.93
CA ASP A 208 2.96 9.66 -23.46
C ASP A 208 4.20 9.89 -22.60
N ASP A 209 4.12 9.50 -21.31
CA ASP A 209 5.20 9.71 -20.34
C ASP A 209 6.38 8.76 -20.50
N ILE A 210 6.16 7.61 -21.13
CA ILE A 210 7.23 6.58 -21.15
C ILE A 210 8.47 6.99 -21.93
N ASP A 211 8.27 7.87 -22.92
CA ASP A 211 9.40 8.38 -23.73
C ASP A 211 10.46 9.01 -22.83
N ALA A 212 10.03 9.74 -21.81
CA ALA A 212 10.93 10.42 -20.90
C ALA A 212 11.61 9.51 -19.87
N ILE A 213 11.23 8.23 -19.83
CA ILE A 213 11.80 7.28 -18.88
C ILE A 213 13.00 6.58 -19.57
N PRO A 214 14.21 6.81 -19.05
CA PRO A 214 15.41 6.29 -19.73
C PRO A 214 15.47 4.77 -19.91
N ASP A 215 15.05 4.04 -18.88
CA ASP A 215 15.10 2.57 -18.87
C ASP A 215 13.74 1.98 -18.59
N ILE A 216 13.21 1.20 -19.53
CA ILE A 216 11.91 0.52 -19.36
C ILE A 216 12.19 -0.95 -19.60
N ILE A 217 11.69 -1.77 -18.67
CA ILE A 217 11.96 -3.21 -18.67
C ILE A 217 10.60 -3.87 -18.55
N ALA A 218 10.23 -4.60 -19.59
CA ALA A 218 8.96 -5.35 -19.65
C ALA A 218 9.34 -6.77 -19.29
N VAL A 219 8.52 -7.42 -18.47
CA VAL A 219 8.81 -8.78 -18.03
C VAL A 219 7.53 -9.58 -18.27
N ALA A 220 7.55 -10.49 -19.25
CA ALA A 220 6.33 -11.21 -19.62
C ALA A 220 6.72 -12.38 -20.48
N GLY A 221 6.09 -13.51 -20.24
CA GLY A 221 6.47 -14.74 -20.95
C GLY A 221 5.32 -15.72 -20.98
N GLY A 222 5.64 -16.90 -21.53
CA GLY A 222 4.68 -18.00 -21.71
C GLY A 222 4.09 -17.98 -23.10
N SER A 223 3.94 -19.16 -23.70
CA SER A 223 3.39 -19.27 -25.08
C SER A 223 2.08 -18.52 -25.28
N SER A 224 1.28 -18.44 -24.23
CA SER A 224 -0.07 -17.85 -24.31
C SER A 224 -0.01 -16.34 -24.56
N LYS A 225 1.13 -15.75 -24.21
CA LYS A 225 1.37 -14.32 -24.35
C LYS A 225 2.11 -13.92 -25.65
N ALA A 226 2.43 -14.88 -26.51
CA ALA A 226 3.13 -14.56 -27.74
C ALA A 226 2.43 -13.47 -28.54
N GLU A 227 1.13 -13.63 -28.80
CA GLU A 227 0.38 -12.65 -29.59
C GLU A 227 0.36 -11.27 -28.92
N ALA A 228 0.18 -11.26 -27.60
CA ALA A 228 0.12 -10.01 -26.81
C ALA A 228 1.44 -9.28 -26.83
N ILE A 229 2.53 -10.04 -26.73
CA ILE A 229 3.86 -9.46 -26.73
C ILE A 229 4.19 -8.88 -28.09
N GLU A 230 3.89 -9.64 -29.14
CA GLU A 230 4.10 -9.16 -30.49
C GLU A 230 3.33 -7.85 -30.74
N ALA A 231 2.07 -7.81 -30.32
CA ALA A 231 1.19 -6.67 -30.55
C ALA A 231 1.71 -5.44 -29.79
N TYR A 232 2.11 -5.65 -28.55
CA TYR A 232 2.60 -4.52 -27.77
C TYR A 232 3.81 -3.88 -28.43
N PHE A 233 4.71 -4.71 -28.94
CA PHE A 233 5.93 -4.21 -29.54
C PHE A 233 5.88 -3.93 -31.05
N LYS A 234 4.67 -3.86 -31.59
CA LYS A 234 4.44 -3.45 -32.97
C LYS A 234 4.83 -2.01 -33.21
N LYS A 235 4.80 -1.23 -32.13
CA LYS A 235 5.26 0.16 -32.14
C LYS A 235 6.55 0.27 -31.34
N PRO A 236 7.43 1.24 -31.68
CA PRO A 236 8.66 1.43 -30.91
C PRO A 236 8.40 1.81 -29.43
N ARG A 237 9.03 1.09 -28.52
CA ARG A 237 8.87 1.41 -27.09
C ARG A 237 10.18 1.68 -26.35
N ASN A 238 11.31 1.62 -27.06
CA ASN A 238 12.64 1.77 -26.43
C ASN A 238 12.79 0.92 -25.18
N THR A 239 12.33 -0.33 -25.26
CA THR A 239 12.15 -1.16 -24.08
C THR A 239 13.00 -2.44 -24.15
N VAL A 240 13.54 -2.83 -23.00
CA VAL A 240 14.20 -4.12 -22.87
C VAL A 240 13.13 -5.15 -22.47
N LEU A 241 12.98 -6.23 -23.23
CA LEU A 241 12.02 -7.26 -22.85
C LEU A 241 12.75 -8.43 -22.20
N VAL A 242 12.29 -8.82 -21.01
CA VAL A 242 12.71 -10.07 -20.37
C VAL A 242 11.57 -11.06 -20.59
N THR A 243 11.84 -12.13 -21.32
CA THR A 243 10.77 -13.13 -21.58
C THR A 243 11.34 -14.56 -21.55
N ASP A 244 10.55 -15.53 -22.01
CA ASP A 244 11.00 -16.91 -22.01
C ASP A 244 10.89 -17.52 -23.40
N GLU A 245 11.50 -18.68 -23.59
CA GLU A 245 11.36 -19.44 -24.85
C GLU A 245 9.90 -19.71 -25.21
N GLY A 246 9.07 -20.00 -24.22
CA GLY A 246 7.65 -20.25 -24.49
C GLY A 246 7.10 -19.15 -25.40
N ALA A 247 7.24 -17.91 -24.95
CA ALA A 247 6.73 -16.75 -25.69
C ALA A 247 7.51 -16.54 -26.96
N ALA A 248 8.83 -16.48 -26.82
CA ALA A 248 9.70 -16.11 -27.93
C ALA A 248 9.66 -17.12 -29.08
N LYS A 249 9.70 -18.40 -28.77
CA LYS A 249 9.72 -19.42 -29.83
C LYS A 249 8.40 -19.48 -30.61
N LYS A 250 7.31 -19.26 -29.90
CA LYS A 250 5.99 -19.25 -30.53
C LYS A 250 5.84 -18.04 -31.44
N LEU A 251 6.26 -16.89 -30.93
CA LEU A 251 6.22 -15.64 -31.69
C LEU A 251 7.07 -15.74 -32.98
N LEU A 252 8.30 -16.24 -32.86
CA LEU A 252 9.27 -16.30 -33.95
C LEU A 252 9.13 -17.48 -34.96
N ARG A 253 8.54 -18.60 -34.50
CA ARG A 253 8.44 -19.82 -35.33
C ARG A 253 7.10 -20.56 -35.15
N LEU B 9 5.86 -9.03 36.64
CA LEU B 9 5.04 -8.37 35.58
C LEU B 9 3.55 -8.30 35.95
N THR B 10 2.99 -9.38 36.49
CA THR B 10 1.63 -9.30 37.04
C THR B 10 1.46 -8.00 37.85
N LEU B 11 2.42 -7.74 38.73
CA LEU B 11 2.45 -6.52 39.55
C LEU B 11 2.57 -5.25 38.70
N LEU B 12 3.51 -5.24 37.75
CA LEU B 12 3.66 -4.10 36.85
C LEU B 12 2.33 -3.75 36.16
N GLU B 13 1.58 -4.77 35.73
CA GLU B 13 0.34 -4.55 35.00
C GLU B 13 -0.72 -3.95 35.93
N LYS B 14 -0.79 -4.50 37.13
CA LYS B 14 -1.78 -4.09 38.12
C LYS B 14 -1.53 -2.64 38.50
N THR B 15 -0.26 -2.27 38.62
CA THR B 15 0.14 -0.92 39.01
C THR B 15 -0.15 0.07 37.89
N LEU B 16 0.23 -0.31 36.68
CA LEU B 16 -0.06 0.50 35.50
C LEU B 16 -1.56 0.72 35.35
N LYS B 17 -2.35 -0.34 35.55
CA LYS B 17 -3.80 -0.26 35.50
C LYS B 17 -4.33 0.81 36.43
N GLU B 18 -3.91 0.76 37.69
CA GLU B 18 -4.38 1.68 38.72
C GLU B 18 -3.94 3.11 38.42
N ARG B 19 -2.71 3.26 37.95
CA ARG B 19 -2.16 4.59 37.67
C ARG B 19 -2.89 5.24 36.51
N LEU B 20 -3.15 4.46 35.47
CA LEU B 20 -3.64 5.00 34.20
C LEU B 20 -5.16 4.83 34.06
N ASN B 21 -5.80 4.24 35.08
CA ASN B 21 -7.24 3.93 35.07
C ASN B 21 -7.63 3.13 33.83
N LEU B 22 -6.89 2.07 33.56
CA LEU B 22 -7.14 1.22 32.41
C LEU B 22 -8.19 0.16 32.73
N LYS B 23 -8.88 -0.36 31.71
CA LYS B 23 -9.73 -1.54 31.92
C LYS B 23 -8.84 -2.74 32.27
N ASP B 24 -7.64 -2.75 31.66
CA ASP B 24 -6.59 -3.74 31.88
C ASP B 24 -5.30 -3.31 31.19
N ALA B 25 -4.16 -3.82 31.67
CA ALA B 25 -2.86 -3.63 31.02
C ALA B 25 -2.25 -4.97 30.62
N ILE B 26 -1.83 -5.07 29.38
CA ILE B 26 -1.12 -6.24 28.86
C ILE B 26 0.28 -5.75 28.52
N ILE B 27 1.28 -6.28 29.21
CA ILE B 27 2.66 -5.83 29.00
C ILE B 27 3.50 -6.98 28.47
N VAL B 28 4.07 -6.79 27.28
CA VAL B 28 5.02 -7.75 26.72
C VAL B 28 6.43 -7.39 27.18
N SER B 29 7.34 -8.35 27.06
CA SER B 29 8.74 -8.18 27.49
C SER B 29 9.57 -7.25 26.61
N GLY B 30 10.51 -6.54 27.23
CA GLY B 30 11.50 -5.75 26.52
C GLY B 30 11.07 -4.35 26.14
N ASP B 31 11.95 -3.67 25.41
CA ASP B 31 11.75 -2.26 25.05
C ASP B 31 11.83 -2.19 23.53
N SER B 32 10.70 -1.88 22.89
CA SER B 32 10.61 -1.81 21.44
C SER B 32 11.48 -0.71 20.82
N ASP B 33 11.91 0.25 21.62
CA ASP B 33 12.82 1.29 21.17
C ASP B 33 14.25 0.74 21.02
N GLN B 34 14.53 -0.39 21.67
CA GLN B 34 15.87 -0.98 21.64
C GLN B 34 15.88 -2.29 20.88
N SER B 35 14.72 -2.95 20.86
CA SER B 35 14.56 -4.21 20.18
C SER B 35 13.27 -4.10 19.35
N PRO B 36 13.43 -3.78 18.05
CA PRO B 36 12.27 -3.52 17.18
C PRO B 36 11.27 -4.68 17.13
N TRP B 37 11.76 -5.91 17.23
CA TRP B 37 10.88 -7.07 17.15
C TRP B 37 9.85 -7.04 18.27
N VAL B 38 10.11 -6.25 19.31
CA VAL B 38 9.20 -6.16 20.44
C VAL B 38 7.87 -5.54 20.01
N LYS B 39 7.94 -4.67 19.01
CA LYS B 39 6.72 -4.13 18.39
C LYS B 39 5.81 -5.24 17.83
N LYS B 40 6.41 -6.28 17.25
CA LYS B 40 5.69 -7.43 16.72
C LYS B 40 5.02 -8.22 17.85
N GLU B 41 5.70 -8.29 19.00
CA GLU B 41 5.09 -8.92 20.16
C GLU B 41 3.92 -8.13 20.76
N MET B 42 4.00 -6.81 20.80
CA MET B 42 2.81 -5.99 21.10
C MET B 42 1.68 -6.26 20.11
N GLY B 43 2.02 -6.36 18.83
CA GLY B 43 1.06 -6.78 17.79
C GLY B 43 0.38 -8.08 18.15
N ARG B 44 1.16 -9.09 18.51
CA ARG B 44 0.62 -10.41 18.82
C ARG B 44 -0.33 -10.36 20.01
N ALA B 45 0.10 -9.66 21.07
CA ALA B 45 -0.73 -9.52 22.26
C ALA B 45 -2.03 -8.78 21.93
N ALA B 46 -1.94 -7.74 21.11
CA ALA B 46 -3.15 -6.99 20.71
C ALA B 46 -4.14 -7.91 20.00
N VAL B 47 -3.64 -8.72 19.06
CA VAL B 47 -4.52 -9.66 18.35
C VAL B 47 -5.27 -10.59 19.31
N ALA B 48 -4.54 -11.11 20.30
CA ALA B 48 -5.14 -11.99 21.31
C ALA B 48 -6.22 -11.26 22.09
N CYS B 49 -5.96 -10.01 22.48
CA CYS B 49 -6.94 -9.19 23.20
CA CYS B 49 -6.94 -9.21 23.20
C CYS B 49 -8.17 -8.95 22.33
N MET B 50 -7.96 -8.78 21.03
CA MET B 50 -9.07 -8.55 20.12
C MET B 50 -9.90 -9.82 20.10
N LYS B 51 -9.25 -10.95 19.90
CA LYS B 51 -10.00 -12.20 19.76
C LYS B 51 -10.79 -12.58 21.03
N LYS B 52 -10.30 -12.15 22.20
CA LYS B 52 -11.00 -12.35 23.48
C LYS B 52 -12.33 -11.62 23.48
N ARG B 53 -12.36 -10.45 22.85
CA ARG B 53 -13.54 -9.60 22.92
C ARG B 53 -14.50 -9.68 21.73
N PHE B 54 -14.12 -10.39 20.67
CA PHE B 54 -15.03 -10.55 19.53
C PHE B 54 -16.34 -11.25 19.92
N SER B 55 -17.44 -10.81 19.32
CA SER B 55 -18.71 -11.53 19.43
CA SER B 55 -18.73 -11.50 19.42
C SER B 55 -19.00 -12.22 18.09
N GLY B 56 -20.25 -12.63 17.86
CA GLY B 56 -20.63 -13.27 16.60
C GLY B 56 -20.38 -12.41 15.36
N LYS B 57 -20.57 -11.11 15.51
CA LYS B 57 -20.35 -10.13 14.43
C LYS B 57 -19.69 -8.88 15.00
N ASN B 58 -18.67 -8.38 14.30
CA ASN B 58 -17.78 -7.34 14.79
C ASN B 58 -17.55 -6.30 13.72
N ILE B 59 -17.64 -5.04 14.10
CA ILE B 59 -17.17 -3.94 13.28
C ILE B 59 -15.94 -3.31 13.96
N VAL B 60 -14.74 -3.59 13.42
CA VAL B 60 -13.47 -3.18 14.05
C VAL B 60 -12.90 -1.92 13.38
N ALA B 61 -12.83 -0.82 14.12
CA ALA B 61 -12.27 0.45 13.61
C ALA B 61 -10.79 0.42 13.95
N VAL B 62 -9.92 0.83 13.01
CA VAL B 62 -8.48 0.79 13.27
C VAL B 62 -7.77 2.05 12.75
N THR B 63 -6.73 2.47 13.47
CA THR B 63 -5.94 3.60 13.06
C THR B 63 -4.73 3.08 12.28
N GLY B 64 -3.95 4.02 11.75
CA GLY B 64 -2.70 3.69 11.09
C GLY B 64 -1.50 3.68 12.03
N GLY B 65 -0.36 4.00 11.46
CA GLY B 65 0.88 3.95 12.21
C GLY B 65 1.52 2.58 12.17
N THR B 66 2.82 2.54 12.49
CA THR B 66 3.63 1.32 12.39
C THR B 66 3.25 0.25 13.42
N THR B 67 2.77 0.70 14.60
CA THR B 67 2.36 -0.26 15.65
C THR B 67 1.04 -0.99 15.30
N ILE B 68 0.05 -0.28 14.75
CA ILE B 68 -1.13 -1.01 14.28
C ILE B 68 -0.82 -1.83 13.05
N GLU B 69 0.14 -1.37 12.23
CA GLU B 69 0.61 -2.21 11.13
C GLU B 69 1.19 -3.52 11.67
N ALA B 70 1.75 -3.48 12.89
CA ALA B 70 2.30 -4.70 13.53
C ALA B 70 1.17 -5.61 13.99
N VAL B 71 0.06 -5.01 14.42
CA VAL B 71 -1.14 -5.78 14.74
C VAL B 71 -1.63 -6.50 13.50
N ALA B 72 -1.73 -5.77 12.39
CA ALA B 72 -2.14 -6.35 11.10
C ALA B 72 -1.23 -7.51 10.70
N GLU B 73 0.08 -7.31 10.84
CA GLU B 73 1.05 -8.35 10.48
C GLU B 73 0.87 -9.61 11.30
N MET B 74 0.49 -9.45 12.57
CA MET B 74 0.37 -10.60 13.47
C MET B 74 -1.03 -11.20 13.48
N MET B 75 -1.96 -10.57 12.77
CA MET B 75 -3.32 -11.05 12.66
C MET B 75 -3.37 -12.39 11.95
N THR B 76 -4.27 -13.24 12.43
CA THR B 76 -4.51 -14.56 11.84
C THR B 76 -6.03 -14.77 11.78
N PRO B 77 -6.49 -15.67 10.88
CA PRO B 77 -7.93 -15.98 10.85
C PRO B 77 -8.46 -16.36 12.21
N ASP B 78 -9.74 -16.06 12.45
CA ASP B 78 -10.37 -16.37 13.73
C ASP B 78 -10.77 -17.84 13.76
N SER B 79 -10.26 -18.56 14.76
CA SER B 79 -10.50 -20.01 14.91
C SER B 79 -11.98 -20.38 15.10
N LYS B 80 -12.69 -19.55 15.91
CA LYS B 80 -14.13 -19.73 16.15
C LYS B 80 -14.96 -19.37 14.91
N ASN B 81 -14.27 -18.67 13.93
CA ASN B 81 -14.88 -18.24 12.66
C ASN B 81 -15.96 -17.16 12.81
N ARG B 82 -15.76 -16.28 13.79
CA ARG B 82 -16.63 -15.11 14.00
C ARG B 82 -16.49 -14.11 12.83
N GLU B 83 -17.53 -13.34 12.58
CA GLU B 83 -17.60 -12.45 11.41
C GLU B 83 -16.93 -11.10 11.69
N LEU B 84 -16.05 -10.68 10.79
CA LEU B 84 -15.19 -9.51 11.04
C LEU B 84 -15.24 -8.49 9.92
N LEU B 85 -15.65 -7.26 10.24
CA LEU B 85 -15.61 -6.16 9.27
C LEU B 85 -14.68 -5.11 9.84
N PHE B 86 -13.65 -4.74 9.07
CA PHE B 86 -12.70 -3.72 9.50
C PHE B 86 -12.92 -2.42 8.73
N VAL B 87 -12.86 -1.30 9.43
CA VAL B 87 -12.97 0.02 8.78
C VAL B 87 -11.89 0.96 9.35
N PRO B 88 -11.40 1.90 8.53
CA PRO B 88 -10.40 2.84 9.04
C PRO B 88 -11.12 3.83 9.96
N ALA B 89 -10.59 4.03 11.16
CA ALA B 89 -11.21 4.89 12.17
C ALA B 89 -11.33 6.34 11.71
N ARG B 90 -10.24 6.89 11.17
N ARG B 90 -10.25 6.83 11.12
CA ARG B 90 -10.33 8.19 10.49
CA ARG B 90 -10.29 8.10 10.45
C ARG B 90 -9.10 8.45 9.61
C ARG B 90 -9.55 7.97 9.13
N GLY B 91 -9.35 9.10 8.48
CA GLY B 91 -8.37 9.20 7.42
C GLY B 91 -7.91 10.61 7.39
N GLY B 92 -7.29 10.98 6.27
CA GLY B 92 -6.85 12.33 6.01
C GLY B 92 -6.15 12.96 7.19
N LEU B 93 -5.17 12.25 7.76
CA LEU B 93 -4.38 12.83 8.85
C LEU B 93 -3.00 13.20 8.35
N GLY B 94 -2.79 13.10 7.04
CA GLY B 94 -1.55 13.56 6.41
C GLY B 94 -0.42 12.54 6.42
N GLU B 95 -0.73 11.28 6.72
CA GLU B 95 0.28 10.21 6.73
C GLU B 95 0.57 9.81 5.30
N ASP B 96 1.80 9.36 5.05
CA ASP B 96 2.07 8.61 3.83
C ASP B 96 1.20 7.34 3.82
N VAL B 97 0.93 6.85 2.62
CA VAL B 97 0.04 5.71 2.46
C VAL B 97 0.45 4.52 3.33
N LYS B 98 1.73 4.24 3.48
CA LYS B 98 2.18 3.12 4.32
C LYS B 98 1.67 3.22 5.76
N ASN B 99 1.33 4.44 6.17
CA ASN B 99 0.91 4.66 7.55
C ASN B 99 -0.56 5.05 7.71
N GLN B 100 -1.29 5.16 6.60
CA GLN B 100 -2.72 5.45 6.68
C GLN B 100 -3.55 4.33 7.26
N ALA B 101 -4.53 4.73 8.08
CA ALA B 101 -5.56 3.82 8.59
C ALA B 101 -6.19 3.00 7.46
N ASN B 102 -6.48 3.64 6.33
CA ASN B 102 -7.02 2.94 5.16
C ASN B 102 -6.12 1.76 4.70
N THR B 103 -4.81 1.92 4.86
CA THR B 103 -3.85 0.91 4.40
C THR B 103 -3.81 -0.23 5.43
N ILE B 104 -3.67 0.16 6.71
CA ILE B 104 -3.50 -0.81 7.79
C ILE B 104 -4.79 -1.65 7.89
N CYS B 105 -5.93 -1.00 7.71
CA CYS B 105 -7.25 -1.64 7.83
C CYS B 105 -7.36 -2.78 6.81
N ALA B 106 -7.05 -2.47 5.56
CA ALA B 106 -7.09 -3.45 4.45
C ALA B 106 -6.16 -4.62 4.72
N HIS B 107 -4.99 -4.32 5.28
CA HIS B 107 -4.00 -5.33 5.55
C HIS B 107 -4.47 -6.27 6.66
N MET B 108 -4.98 -5.69 7.73
CA MET B 108 -5.51 -6.45 8.84
C MET B 108 -6.66 -7.36 8.42
N ALA B 109 -7.59 -6.83 7.62
CA ALA B 109 -8.73 -7.57 7.11
C ALA B 109 -8.28 -8.81 6.32
N GLU B 110 -7.32 -8.59 5.43
CA GLU B 110 -6.71 -9.68 4.65
C GLU B 110 -6.16 -10.77 5.55
N LYS B 111 -5.35 -10.37 6.53
CA LYS B 111 -4.73 -11.32 7.47
C LYS B 111 -5.74 -12.07 8.35
N ALA B 112 -6.84 -11.40 8.71
CA ALA B 112 -7.89 -12.01 9.52
C ALA B 112 -8.86 -12.85 8.69
N SER B 113 -8.67 -12.82 7.37
CA SER B 113 -9.60 -13.39 6.41
C SER B 113 -11.00 -12.81 6.66
N GLY B 114 -11.03 -11.49 6.87
CA GLY B 114 -12.27 -10.75 7.05
C GLY B 114 -12.52 -9.88 5.84
N THR B 115 -13.38 -8.88 6.03
CA THR B 115 -13.67 -7.93 4.98
C THR B 115 -13.34 -6.54 5.47
N TYR B 116 -13.21 -5.61 4.54
CA TYR B 116 -12.84 -4.23 4.85
C TYR B 116 -13.58 -3.25 3.93
N ARG B 117 -13.68 -2.01 4.37
CA ARG B 117 -14.22 -0.91 3.57
C ARG B 117 -13.12 0.08 3.38
N LEU B 118 -12.99 0.56 2.14
CA LEU B 118 -12.04 1.59 1.80
C LEU B 118 -12.64 2.95 2.17
N LEU B 119 -11.79 3.81 2.67
CA LEU B 119 -12.17 5.20 2.91
C LEU B 119 -10.94 6.09 2.73
N PHE B 120 -10.95 6.84 1.65
CA PHE B 120 -9.88 7.77 1.43
C PHE B 120 -10.48 9.16 1.23
N VAL B 121 -10.29 10.04 2.20
CA VAL B 121 -10.69 11.42 2.05
C VAL B 121 -9.54 12.24 2.60
N PRO B 122 -8.77 12.87 1.72
CA PRO B 122 -7.52 13.42 2.20
C PRO B 122 -7.71 14.70 3.00
N GLY B 123 -6.63 15.14 3.63
CA GLY B 123 -6.65 16.20 4.62
C GLY B 123 -6.94 17.59 4.14
N GLN B 124 -6.39 17.97 3.00
CA GLN B 124 -6.41 19.38 2.64
C GLN B 124 -7.39 19.77 1.53
N LEU B 125 -8.59 19.16 1.50
CA LEU B 125 -9.60 19.51 0.50
C LEU B 125 -10.21 20.87 0.83
N SER B 126 -10.69 21.57 -0.20
CA SER B 126 -11.45 22.81 0.03
C SER B 126 -12.73 22.50 0.79
N GLN B 127 -13.30 23.52 1.44
CA GLN B 127 -14.59 23.39 2.10
C GLN B 127 -15.64 22.77 1.21
N GLY B 128 -15.75 23.30 -0.01
CA GLY B 128 -16.69 22.78 -1.01
C GLY B 128 -16.45 21.33 -1.36
N ALA B 129 -15.18 20.98 -1.58
CA ALA B 129 -14.84 19.63 -2.03
C ALA B 129 -15.08 18.64 -0.92
N TYR B 130 -14.76 19.06 0.30
CA TYR B 130 -14.99 18.24 1.49
C TYR B 130 -16.48 18.06 1.76
N SER B 131 -17.22 19.16 1.74
CA SER B 131 -18.67 19.12 1.89
C SER B 131 -19.35 18.16 0.90
N SER B 132 -18.88 18.18 -0.36
CA SER B 132 -19.44 17.33 -1.40
CA SER B 132 -19.42 17.34 -1.42
C SER B 132 -19.06 15.87 -1.19
N ILE B 133 -17.79 15.62 -0.87
CA ILE B 133 -17.33 14.26 -0.84
C ILE B 133 -17.98 13.45 0.29
N ILE B 134 -18.28 14.09 1.42
CA ILE B 134 -18.73 13.36 2.57
C ILE B 134 -20.21 12.96 2.39
N GLU B 135 -20.86 13.53 1.37
CA GLU B 135 -22.23 13.16 1.00
C GLU B 135 -22.28 12.08 -0.05
N GLU B 136 -21.13 11.71 -0.61
CA GLU B 136 -21.14 10.62 -1.60
C GLU B 136 -21.45 9.29 -0.90
N PRO B 137 -22.26 8.44 -1.54
CA PRO B 137 -22.73 7.22 -0.89
C PRO B 137 -21.63 6.36 -0.27
N SER B 138 -20.50 6.17 -0.96
CA SER B 138 -19.43 5.30 -0.44
C SER B 138 -18.87 5.86 0.86
N VAL B 139 -18.81 7.18 0.98
CA VAL B 139 -18.26 7.80 2.20
C VAL B 139 -19.31 7.74 3.28
N LYS B 140 -20.49 8.26 2.96
CA LYS B 140 -21.59 8.35 3.91
C LYS B 140 -21.83 6.99 4.58
N GLU B 141 -21.83 5.91 3.79
CA GLU B 141 -22.05 4.57 4.32
C GLU B 141 -20.93 4.13 5.25
N VAL B 142 -19.70 4.40 4.86
CA VAL B 142 -18.58 3.94 5.69
C VAL B 142 -18.55 4.74 7.01
N LEU B 143 -18.84 6.06 6.95
CA LEU B 143 -18.94 6.88 8.18
C LEU B 143 -19.95 6.30 9.15
N ASN B 144 -21.09 5.84 8.61
CA ASN B 144 -22.11 5.22 9.45
C ASN B 144 -21.59 3.93 10.08
N THR B 145 -20.90 3.12 9.29
CA THR B 145 -20.28 1.89 9.82
C THR B 145 -19.29 2.20 10.97
N ILE B 146 -18.40 3.16 10.75
CA ILE B 146 -17.46 3.59 11.79
C ILE B 146 -18.22 4.03 13.05
N LYS B 147 -19.27 4.83 12.87
CA LYS B 147 -20.15 5.23 13.99
C LYS B 147 -20.66 4.07 14.85
N SER B 148 -20.85 2.91 14.23
CA SER B 148 -21.42 1.78 14.94
CA SER B 148 -21.43 1.74 14.87
C SER B 148 -20.38 0.67 15.25
N ALA B 149 -19.11 1.07 15.29
CA ALA B 149 -17.98 0.17 15.65
C ALA B 149 -18.23 -0.52 17.00
N SER B 150 -17.95 -1.82 17.06
CA SER B 150 -17.98 -2.60 18.28
C SER B 150 -16.58 -2.64 18.92
N MET B 151 -15.54 -2.32 18.14
CA MET B 151 -14.15 -2.34 18.63
C MET B 151 -13.34 -1.22 18.00
N LEU B 152 -12.39 -0.68 18.77
CA LEU B 152 -11.44 0.28 18.27
C LEU B 152 -10.04 -0.18 18.64
N VAL B 153 -9.16 -0.26 17.64
CA VAL B 153 -7.75 -0.56 17.90
C VAL B 153 -6.94 0.61 17.41
N HIS B 154 -6.25 1.28 18.33
CA HIS B 154 -5.52 2.49 17.99
C HIS B 154 -4.13 2.59 18.59
N GLY B 155 -3.30 3.41 17.95
CA GLY B 155 -1.98 3.74 18.44
C GLY B 155 -1.93 5.02 19.24
N ILE B 156 -0.77 5.29 19.82
CA ILE B 156 -0.56 6.53 20.57
C ILE B 156 0.82 7.01 20.16
N GLY B 157 0.92 8.28 19.78
CA GLY B 157 2.21 8.82 19.40
C GLY B 157 2.63 9.99 20.27
N GLU B 158 3.94 10.26 20.32
CA GLU B 158 4.42 11.55 20.79
C GLU B 158 3.94 12.65 19.84
N ALA B 159 3.48 13.77 20.41
CA ALA B 159 2.93 14.84 19.58
C ALA B 159 3.91 15.32 18.53
N LYS B 160 5.14 15.61 18.92
CA LYS B 160 6.14 16.16 17.98
C LYS B 160 6.43 15.17 16.87
N THR B 161 6.51 13.90 17.25
CA THR B 161 6.84 12.80 16.34
C THR B 161 5.76 12.67 15.29
N MET B 162 4.51 12.70 15.73
CA MET B 162 3.40 12.61 14.79
C MET B 162 3.33 13.84 13.87
N ALA B 163 3.39 15.01 14.47
CA ALA B 163 3.34 16.26 13.71
C ALA B 163 4.40 16.34 12.57
N GLN B 164 5.62 15.86 12.88
CA GLN B 164 6.72 15.78 11.89
C GLN B 164 6.43 14.77 10.78
N ARG B 165 6.00 13.56 11.15
CA ARG B 165 5.80 12.49 10.18
C ARG B 165 4.69 12.82 9.20
N ARG B 166 3.60 13.39 9.73
CA ARG B 166 2.42 13.76 8.92
C ARG B 166 2.72 15.00 8.06
N ASN B 167 1.87 15.26 7.07
CA ASN B 167 1.90 16.53 6.38
C ASN B 167 1.08 17.49 7.22
N THR B 168 1.76 18.30 8.03
CA THR B 168 1.10 19.23 8.94
C THR B 168 1.32 20.67 8.48
N PRO B 169 0.22 21.40 8.17
CA PRO B 169 0.32 22.84 7.87
C PRO B 169 1.14 23.58 8.93
N LEU B 170 1.86 24.60 8.50
CA LEU B 170 2.77 25.33 9.39
C LEU B 170 2.06 25.93 10.60
N GLU B 171 0.87 26.50 10.36
CA GLU B 171 0.10 27.17 11.41
C GLU B 171 -0.31 26.18 12.50
N ASP B 172 -0.57 24.94 12.10
CA ASP B 172 -0.95 23.88 13.04
C ASP B 172 0.25 23.39 13.84
N LEU B 173 1.43 23.33 13.22
CA LEU B 173 2.66 23.01 13.96
C LEU B 173 2.84 23.99 15.11
N LYS B 174 2.71 25.27 14.78
CA LYS B 174 2.73 26.34 15.76
C LYS B 174 1.75 26.10 16.91
N LYS B 175 0.49 25.76 16.57
CA LYS B 175 -0.55 25.53 17.58
C LYS B 175 -0.21 24.34 18.47
N ILE B 176 0.22 23.26 17.84
CA ILE B 176 0.63 22.04 18.54
C ILE B 176 1.78 22.36 19.50
N ASP B 177 2.71 23.22 19.05
CA ASP B 177 3.86 23.57 19.87
C ASP B 177 3.49 24.56 20.96
N ASP B 178 2.80 25.63 20.57
CA ASP B 178 2.38 26.68 21.50
C ASP B 178 1.38 26.22 22.58
N ASN B 179 0.63 25.17 22.28
CA ASN B 179 -0.29 24.63 23.28
C ASN B 179 0.27 23.40 24.04
N ASP B 180 1.57 23.19 23.90
CA ASP B 180 2.28 22.16 24.65
C ASP B 180 1.65 20.78 24.53
N ALA B 181 1.28 20.41 23.30
CA ALA B 181 0.87 19.01 23.00
C ALA B 181 2.02 18.07 23.33
N VAL B 182 1.73 16.96 24.00
CA VAL B 182 2.76 15.94 24.27
C VAL B 182 2.41 14.54 23.71
N THR B 183 1.15 14.32 23.36
CA THR B 183 0.68 13.01 22.91
C THR B 183 -0.36 13.16 21.80
N GLU B 184 -0.51 12.10 21.02
CA GLU B 184 -1.44 12.12 19.90
C GLU B 184 -2.08 10.77 19.75
N ALA B 185 -3.38 10.77 19.43
CA ALA B 185 -4.13 9.57 19.06
C ALA B 185 -5.30 9.93 18.15
N PHE B 186 -5.42 9.13 17.09
CA PHE B 186 -6.47 9.24 16.08
C PHE B 186 -6.78 10.70 15.68
N GLY B 187 -5.73 11.50 15.50
CA GLY B 187 -5.89 12.84 14.93
C GLY B 187 -6.25 13.90 15.98
N TYR B 188 -6.08 13.55 17.25
CA TYR B 188 -6.18 14.50 18.36
C TYR B 188 -4.84 14.59 19.06
N TYR B 189 -4.39 15.84 19.25
CA TYR B 189 -3.19 16.18 20.00
C TYR B 189 -3.63 16.68 21.38
N PHE B 190 -3.06 16.08 22.42
CA PHE B 190 -3.44 16.37 23.80
C PHE B 190 -2.24 16.89 24.58
N ASN B 191 -2.51 17.70 25.60
CA ASN B 191 -1.45 18.20 26.48
C ASN B 191 -1.16 17.19 27.60
N ALA B 192 -0.31 17.57 28.55
CA ALA B 192 0.12 16.66 29.63
C ALA B 192 -1.01 16.21 30.59
N ASP B 193 -2.13 16.96 30.59
CA ASP B 193 -3.31 16.67 31.41
C ASP B 193 -4.41 15.87 30.68
N GLY B 194 -4.11 15.43 29.47
CA GLY B 194 -5.06 14.63 28.67
C GLY B 194 -6.12 15.47 27.96
N GLU B 195 -5.88 16.78 27.93
CA GLU B 195 -6.81 17.72 27.30
C GLU B 195 -6.48 17.95 25.83
N VAL B 196 -7.50 17.98 24.97
CA VAL B 196 -7.31 18.28 23.54
C VAL B 196 -6.82 19.72 23.36
N VAL B 197 -5.72 19.86 22.64
CA VAL B 197 -5.23 21.19 22.29
C VAL B 197 -5.15 21.43 20.78
N HIS B 198 -5.32 20.36 19.98
CA HIS B 198 -5.43 20.49 18.53
C HIS B 198 -6.10 19.27 17.95
N LYS B 199 -7.18 19.50 17.22
CA LYS B 199 -7.89 18.45 16.52
C LYS B 199 -7.63 18.59 15.02
N VAL B 200 -7.19 17.51 14.37
CA VAL B 200 -7.08 17.48 12.91
C VAL B 200 -8.49 17.32 12.36
N HIS B 201 -8.86 18.20 11.43
CA HIS B 201 -10.14 18.10 10.75
C HIS B 201 -10.11 16.96 9.75
N SER B 202 -10.87 15.91 10.07
CA SER B 202 -10.97 14.76 9.20
CA SER B 202 -10.99 14.78 9.18
C SER B 202 -12.25 14.00 9.48
N VAL B 203 -12.72 13.28 8.50
CA VAL B 203 -13.98 12.59 8.68
C VAL B 203 -13.78 11.29 9.48
N GLY B 204 -14.88 10.76 10.02
CA GLY B 204 -14.82 9.52 10.76
C GLY B 204 -14.86 9.76 12.24
N MET B 205 -14.26 8.85 12.99
CA MET B 205 -14.46 8.81 14.44
C MET B 205 -14.07 10.10 15.14
N GLN B 206 -14.91 10.55 16.06
CA GLN B 206 -14.62 11.72 16.87
C GLN B 206 -14.35 11.27 18.30
N LEU B 207 -13.67 12.12 19.08
CA LEU B 207 -13.27 11.73 20.43
C LEU B 207 -14.45 11.35 21.27
N ASP B 208 -15.54 12.12 21.17
CA ASP B 208 -16.78 11.81 21.90
C ASP B 208 -17.36 10.43 21.55
N ASP B 209 -17.10 9.97 20.34
CA ASP B 209 -17.62 8.69 19.85
C ASP B 209 -17.04 7.47 20.57
N ILE B 210 -15.83 7.60 21.10
CA ILE B 210 -15.16 6.43 21.65
C ILE B 210 -15.89 5.89 22.89
N ASP B 211 -16.62 6.75 23.61
CA ASP B 211 -17.37 6.30 24.81
C ASP B 211 -18.43 5.26 24.43
N ALA B 212 -18.82 5.26 23.16
CA ALA B 212 -19.84 4.34 22.66
C ALA B 212 -19.28 3.03 22.07
N ILE B 213 -17.96 2.89 22.10
CA ILE B 213 -17.29 1.68 21.60
C ILE B 213 -16.95 0.81 22.82
N PRO B 214 -17.60 -0.36 22.95
CA PRO B 214 -17.38 -1.15 24.18
C PRO B 214 -15.95 -1.65 24.34
N ASP B 215 -15.32 -2.06 23.25
CA ASP B 215 -13.98 -2.60 23.39
C ASP B 215 -12.98 -1.75 22.64
N ILE B 216 -12.12 -1.08 23.42
CA ILE B 216 -11.07 -0.23 22.86
C ILE B 216 -9.75 -0.79 23.31
N ILE B 217 -8.85 -1.00 22.35
CA ILE B 217 -7.52 -1.51 22.63
C ILE B 217 -6.47 -0.55 22.07
N ALA B 218 -5.68 0.03 22.98
CA ALA B 218 -4.58 0.89 22.56
C ALA B 218 -3.31 0.06 22.52
N VAL B 219 -2.47 0.32 21.53
CA VAL B 219 -1.25 -0.47 21.34
C VAL B 219 -0.11 0.51 21.11
N ALA B 220 0.76 0.64 22.11
CA ALA B 220 1.84 1.63 22.03
C ALA B 220 2.89 1.33 23.07
N GLY B 221 4.16 1.44 22.67
CA GLY B 221 5.26 1.08 23.57
C GLY B 221 6.56 1.76 23.20
N GLY B 222 7.62 1.34 23.89
CA GLY B 222 8.92 1.96 23.75
C GLY B 222 9.10 3.01 24.82
N SER B 223 10.28 3.04 25.43
CA SER B 223 10.58 4.04 26.45
C SER B 223 10.26 5.49 26.02
N SER B 224 10.50 5.82 24.76
CA SER B 224 10.34 7.20 24.27
C SER B 224 8.86 7.64 24.31
N LYS B 225 7.96 6.67 24.40
CA LYS B 225 6.54 6.98 24.44
C LYS B 225 5.96 7.03 25.85
N ALA B 226 6.80 6.82 26.86
CA ALA B 226 6.34 6.83 28.26
C ALA B 226 5.48 8.06 28.60
N GLU B 227 5.99 9.25 28.30
CA GLU B 227 5.27 10.49 28.61
C GLU B 227 3.96 10.64 27.83
N ALA B 228 3.98 10.27 26.56
CA ALA B 228 2.82 10.36 25.67
C ALA B 228 1.73 9.44 26.17
N ILE B 229 2.13 8.22 26.54
CA ILE B 229 1.17 7.24 27.06
C ILE B 229 0.54 7.73 28.38
N GLU B 230 1.35 8.21 29.30
CA GLU B 230 0.82 8.74 30.56
C GLU B 230 -0.20 9.86 30.33
N ALA B 231 0.14 10.78 29.44
CA ALA B 231 -0.69 11.95 29.18
C ALA B 231 -2.02 11.55 28.56
N TYR B 232 -1.99 10.59 27.64
CA TYR B 232 -3.21 10.20 26.97
C TYR B 232 -4.18 9.65 28.01
N PHE B 233 -3.66 8.85 28.94
CA PHE B 233 -4.54 8.22 29.93
C PHE B 233 -4.78 9.06 31.17
N LYS B 234 -4.47 10.36 31.09
CA LYS B 234 -4.82 11.26 32.19
C LYS B 234 -6.33 11.43 32.38
N LYS B 235 -7.11 11.13 31.34
CA LYS B 235 -8.57 11.12 31.42
C LYS B 235 -9.06 9.68 31.30
N PRO B 236 -10.29 9.40 31.78
CA PRO B 236 -10.84 8.04 31.62
C PRO B 236 -11.03 7.69 30.13
N ARG B 237 -10.52 6.55 29.71
CA ARG B 237 -10.62 6.13 28.30
C ARG B 237 -11.31 4.76 28.15
N ASN B 238 -11.57 4.06 29.27
CA ASN B 238 -12.28 2.78 29.23
C ASN B 238 -11.59 1.82 28.27
N THR B 239 -10.27 1.76 28.39
CA THR B 239 -9.42 1.19 27.36
C THR B 239 -8.45 0.16 27.92
N VAL B 240 -8.21 -0.89 27.14
CA VAL B 240 -7.17 -1.88 27.40
C VAL B 240 -5.90 -1.41 26.70
N LEU B 241 -4.81 -1.26 27.47
CA LEU B 241 -3.53 -0.89 26.88
C LEU B 241 -2.63 -2.10 26.73
N VAL B 242 -2.16 -2.31 25.50
CA VAL B 242 -1.08 -3.25 25.20
C VAL B 242 0.21 -2.43 25.03
N THR B 243 1.20 -2.71 25.87
CA THR B 243 2.46 -1.95 25.81
C THR B 243 3.63 -2.91 26.06
N ASP B 244 4.85 -2.36 26.21
CA ASP B 244 6.00 -3.18 26.58
C ASP B 244 6.62 -2.69 27.88
N GLU B 245 7.62 -3.43 28.37
CA GLU B 245 8.35 -3.05 29.58
C GLU B 245 9.07 -1.71 29.43
N GLY B 246 9.64 -1.46 28.26
CA GLY B 246 10.30 -0.18 27.97
C GLY B 246 9.44 1.03 28.35
N ALA B 247 8.18 1.02 27.94
CA ALA B 247 7.28 2.13 28.26
C ALA B 247 6.81 2.07 29.71
N ALA B 248 6.38 0.88 30.14
CA ALA B 248 5.77 0.70 31.44
C ALA B 248 6.73 1.02 32.58
N LYS B 249 7.95 0.51 32.48
CA LYS B 249 8.97 0.75 33.50
C LYS B 249 9.42 2.19 33.56
N LYS B 250 9.53 2.84 32.40
CA LYS B 250 9.90 4.26 32.40
C LYS B 250 8.76 5.15 32.92
N LEU B 251 7.52 4.85 32.50
CA LEU B 251 6.34 5.55 33.02
C LEU B 251 6.32 5.50 34.56
N LEU B 252 6.49 4.31 35.11
CA LEU B 252 6.36 4.09 36.55
C LEU B 252 7.62 4.46 37.34
N ARG B 253 8.64 4.95 36.65
CA ARG B 253 9.88 5.35 37.31
C ARG B 253 9.73 6.65 38.11
P1 FBP C . -3.54 -4.54 -12.46
O1P FBP C . -3.37 -3.20 -13.15
O2P FBP C . -3.16 -4.46 -10.99
O3P FBP C . -4.99 -5.00 -12.55
O1 FBP C . -2.62 -5.60 -13.25
C1 FBP C . -1.26 -5.26 -13.42
C2 FBP C . -0.62 -5.96 -14.62
O2 FBP C . 0.79 -5.64 -14.63
C3 FBP C . -1.20 -5.61 -15.98
O3 FBP C . -0.81 -4.34 -16.45
C4 FBP C . -0.64 -6.71 -16.85
O4 FBP C . -1.54 -6.97 -17.90
C5 FBP C . -0.74 -7.87 -15.87
O5 FBP C . -0.71 -7.35 -14.53
C6 FBP C . 0.25 -8.97 -16.06
O6 FBP C . -0.05 -9.94 -15.07
P2 FBP C . 0.69 -11.34 -15.05
O4P FBP C . 0.40 -12.08 -16.33
O5P FBP C . 0.20 -12.07 -13.82
O6P FBP C . 2.15 -11.01 -14.93
CL CL D . 3.94 5.24 1.39
CL CL E . 5.49 -16.37 15.15
CL CL F . 14.42 -5.55 24.92
CL CL G . -3.79 9.62 7.17
P 13P H . 3.47 4.47 15.46
O1P 13P H . 4.30 5.09 16.55
O2P 13P H . 2.68 3.25 15.93
O3P 13P H . 4.24 4.45 14.15
O1 13P H . 2.32 5.57 15.14
C1 13P H . 1.49 6.08 16.20
C2 13P H . 0.23 6.70 15.62
O2 13P H . 0.01 6.63 14.42
C3 13P H . -0.73 7.40 16.55
O3 13P H . -1.73 8.08 15.77
#